data_7L04
#
_entry.id   7L04
#
_cell.length_a   79.424
_cell.length_b   89.350
_cell.length_c   99.685
_cell.angle_alpha   90.000
_cell.angle_beta   90.000
_cell.angle_gamma   90.000
#
_symmetry.space_group_name_H-M   'P 21 21 21'
#
loop_
_entity.id
_entity.type
_entity.pdbx_description
1 polymer VP1
2 polymer 'Importin subunit alpha-1'
3 water water
#
loop_
_entity_poly.entity_id
_entity_poly.type
_entity_poly.pdbx_seq_one_letter_code
_entity_poly.pdbx_strand_id
1 'polypeptide(L)' YPKKKKARIE C
2 'polypeptide(L)'
;MHHHHHHSSGLVPRGSGMLETAAALFERNHMDSPDLGTDDDDLAMADIGSNQGTVNWSVEDIVKGINSNNLESQLQATQA
ARKLLSREKQPPIDNIIRAGLIPKFVSFLGKTDCSPIQFESAWALTNIASGTSEQTKAVVDGGAIPAFISLLASPHAHIS
EQAVWALGNIAGDGSAFRDLVIKHGAIDPLLALLAVPDLSTLACGYLRNLTWTLSNLCRNKNPAPPLDAVEQILPTLVRL
LHHNDPEVLADSCWAISYLTDGPNERIEMVVKKGVVPQLVKLLGATELPIVTPALRAIGNIVTGTDEQTQKVIDAGALAV
FPSLLTNPKTNIQKEATWTMSNITAGRQDQIQQVVNHGLVPFLVGVLSKADFKTQKEAAWAITNYTSGGTVEQIVYLVHC
GIIEPLMNLLSAKDTKIIQVILDAISNIFQAAEKLGETEKLSIMIEECGGLDKIEALQRHENESVYKASLNLIEKYFSVE
EEEDQNVVPETTSEGFAFQVQDGAPGTFNF
;
E
#
# COMPACT_ATOMS: atom_id res chain seq x y z
N TYR A 1 -1.87 -4.41 -2.74
CA TYR A 1 -0.80 -4.55 -1.74
C TYR A 1 0.09 -5.74 -2.07
N PRO A 2 1.34 -5.73 -1.57
CA PRO A 2 2.24 -6.87 -1.85
C PRO A 2 1.89 -8.12 -1.06
N LYS A 3 2.66 -9.18 -1.26
CA LYS A 3 2.36 -10.47 -0.62
C LYS A 3 2.37 -10.34 0.89
N LYS A 4 1.36 -10.93 1.53
CA LYS A 4 1.30 -10.96 2.98
C LYS A 4 2.34 -11.92 3.56
N LYS A 5 2.55 -13.05 2.89
CA LYS A 5 3.47 -14.08 3.35
C LYS A 5 4.34 -14.53 2.19
N LYS A 6 5.44 -15.19 2.53
CA LYS A 6 6.32 -15.77 1.51
C LYS A 6 7.07 -16.94 2.12
N ALA A 7 7.14 -18.03 1.36
CA ALA A 7 7.90 -19.21 1.75
C ALA A 7 9.33 -19.07 1.28
N ARG A 8 10.24 -19.70 2.03
CA ARG A 8 11.65 -19.76 1.62
C ARG A 8 11.81 -20.93 0.66
N ILE A 9 12.04 -20.64 -0.61
CA ILE A 9 12.12 -21.64 -1.67
C ILE A 9 13.58 -21.85 -2.05
N GLU A 10 13.94 -23.08 -2.36
CA GLU A 10 15.29 -23.42 -2.78
C GLU A 10 15.24 -24.32 -4.01
N GLY B 53 20.26 -38.11 -0.08
CA GLY B 53 20.33 -38.20 1.36
C GLY B 53 19.01 -37.87 2.03
N THR B 54 18.68 -36.58 2.09
CA THR B 54 17.43 -36.10 2.67
C THR B 54 16.48 -35.59 1.61
N VAL B 55 16.62 -36.07 0.37
CA VAL B 55 15.83 -35.59 -0.75
C VAL B 55 14.72 -36.58 -1.05
N ASN B 56 13.51 -36.06 -1.24
CA ASN B 56 12.34 -36.86 -1.66
C ASN B 56 12.03 -37.97 -0.66
N TRP B 57 11.95 -37.59 0.61
CA TRP B 57 11.42 -38.51 1.62
C TRP B 57 9.91 -38.51 1.57
N SER B 58 9.32 -39.62 2.00
CA SER B 58 7.90 -39.67 2.28
C SER B 58 7.64 -39.12 3.68
N VAL B 59 6.47 -38.52 3.86
CA VAL B 59 6.12 -38.03 5.19
C VAL B 59 6.11 -39.17 6.19
N GLU B 60 5.89 -40.40 5.73
CA GLU B 60 5.96 -41.56 6.62
C GLU B 60 7.37 -41.72 7.18
N ASP B 61 8.39 -41.65 6.31
CA ASP B 61 9.76 -41.76 6.77
C ASP B 61 10.16 -40.56 7.63
N ILE B 62 9.66 -39.37 7.27
CA ILE B 62 9.94 -38.19 8.10
C ILE B 62 9.39 -38.40 9.50
N VAL B 63 8.15 -38.90 9.60
CA VAL B 63 7.56 -39.17 10.91
C VAL B 63 8.37 -40.22 11.65
N LYS B 64 8.78 -41.28 10.96
CA LYS B 64 9.56 -42.33 11.59
C LYS B 64 10.86 -41.76 12.17
N GLY B 65 11.52 -40.87 11.43
CA GLY B 65 12.78 -40.32 11.90
C GLY B 65 12.59 -39.33 13.03
N ILE B 66 11.54 -38.51 12.96
CA ILE B 66 11.31 -37.53 14.02
C ILE B 66 10.86 -38.22 15.31
N ASN B 67 10.15 -39.35 15.19
CA ASN B 67 9.69 -40.08 16.36
C ASN B 67 10.78 -40.94 16.99
N SER B 68 11.93 -41.08 16.34
CA SER B 68 13.02 -41.85 16.92
C SER B 68 13.63 -41.08 18.10
N ASN B 69 14.36 -41.81 18.93
CA ASN B 69 15.06 -41.24 20.07
C ASN B 69 16.50 -40.88 19.74
N ASN B 70 16.78 -40.50 18.49
CA ASN B 70 18.12 -40.19 18.03
C ASN B 70 18.10 -38.77 17.46
N LEU B 71 18.75 -37.85 18.16
CA LEU B 71 18.72 -36.45 17.74
C LEU B 71 19.21 -36.27 16.32
N GLU B 72 20.19 -37.07 15.88
CA GLU B 72 20.69 -36.96 14.52
C GLU B 72 19.69 -37.47 13.50
N SER B 73 18.99 -38.57 13.82
CA SER B 73 17.92 -39.04 12.96
C SER B 73 16.80 -38.01 12.89
N GLN B 74 16.49 -37.38 14.03
CA GLN B 74 15.49 -36.32 14.04
C GLN B 74 15.92 -35.15 13.15
N LEU B 75 17.21 -34.79 13.21
CA LEU B 75 17.71 -33.72 12.36
C LEU B 75 17.61 -34.08 10.89
N GLN B 76 17.98 -35.31 10.54
CA GLN B 76 17.87 -35.76 9.15
C GLN B 76 16.42 -35.67 8.66
N ALA B 77 15.49 -36.17 9.48
CA ALA B 77 14.09 -36.16 9.09
C ALA B 77 13.56 -34.72 9.00
N THR B 78 14.01 -33.83 9.89
CA THR B 78 13.57 -32.45 9.83
C THR B 78 14.10 -31.76 8.58
N GLN B 79 15.34 -32.06 8.19
CA GLN B 79 15.86 -31.51 6.93
C GLN B 79 15.08 -32.05 5.74
N ALA B 80 14.71 -33.33 5.78
CA ALA B 80 13.89 -33.90 4.71
C ALA B 80 12.54 -33.19 4.63
N ALA B 81 11.94 -32.91 5.78
CA ALA B 81 10.68 -32.17 5.79
C ALA B 81 10.87 -30.76 5.24
N ARG B 82 11.95 -30.10 5.61
CA ARG B 82 12.24 -28.77 5.07
C ARG B 82 12.35 -28.82 3.55
N LYS B 83 13.06 -29.82 3.02
CA LYS B 83 13.22 -29.93 1.58
C LYS B 83 11.90 -30.23 0.88
N LEU B 84 11.03 -31.02 1.52
CA LEU B 84 9.69 -31.21 0.97
C LEU B 84 8.92 -29.90 0.94
N LEU B 85 9.00 -29.12 2.02
CA LEU B 85 8.22 -27.91 2.16
C LEU B 85 8.79 -26.71 1.41
N SER B 86 9.99 -26.84 0.83
CA SER B 86 10.64 -25.73 0.15
C SER B 86 10.61 -25.86 -1.36
N ARG B 87 9.66 -26.61 -1.91
CA ARG B 87 9.48 -26.73 -3.35
C ARG B 87 8.30 -25.87 -3.78
N GLU B 88 8.42 -25.25 -4.95
CA GLU B 88 7.35 -24.41 -5.47
C GLU B 88 6.10 -25.23 -5.77
N LYS B 89 6.29 -26.38 -6.41
CA LYS B 89 5.18 -27.22 -6.86
C LYS B 89 4.49 -27.91 -5.69
N GLN B 90 3.45 -27.27 -5.15
CA GLN B 90 2.57 -27.87 -4.14
C GLN B 90 3.35 -28.50 -2.99
N PRO B 91 3.94 -27.71 -2.10
CA PRO B 91 4.63 -28.30 -0.95
C PRO B 91 3.61 -28.92 0.00
N PRO B 92 3.85 -30.15 0.49
CA PRO B 92 2.80 -30.87 1.23
C PRO B 92 2.59 -30.33 2.65
N ILE B 93 2.08 -29.10 2.75
CA ILE B 93 1.90 -28.48 4.06
C ILE B 93 0.85 -29.25 4.87
N ASP B 94 -0.29 -29.53 4.27
CA ASP B 94 -1.38 -30.17 5.01
C ASP B 94 -0.99 -31.58 5.45
N ASN B 95 -0.26 -32.31 4.61
CA ASN B 95 0.19 -33.65 5.01
C ASN B 95 1.15 -33.57 6.19
N ILE B 96 2.02 -32.57 6.21
CA ILE B 96 2.93 -32.39 7.34
C ILE B 96 2.16 -32.04 8.61
N ILE B 97 1.12 -31.20 8.48
CA ILE B 97 0.33 -30.83 9.65
C ILE B 97 -0.43 -32.05 10.18
N ARG B 98 -1.09 -32.79 9.29
CA ARG B 98 -1.87 -33.95 9.73
C ARG B 98 -0.99 -34.99 10.41
N ALA B 99 0.28 -35.10 10.01
CA ALA B 99 1.19 -36.04 10.65
C ALA B 99 1.57 -35.62 12.06
N GLY B 100 1.11 -34.45 12.54
CA GLY B 100 1.40 -34.03 13.89
C GLY B 100 2.84 -33.62 14.13
N LEU B 101 3.50 -33.03 13.13
CA LEU B 101 4.91 -32.71 13.23
C LEU B 101 5.18 -31.31 13.80
N ILE B 102 4.17 -30.44 13.85
CA ILE B 102 4.40 -29.07 14.32
C ILE B 102 4.94 -29.05 15.75
N PRO B 103 4.37 -29.78 16.71
CA PRO B 103 4.92 -29.74 18.07
C PRO B 103 6.38 -30.16 18.13
N LYS B 104 6.77 -31.16 17.33
CA LYS B 104 8.16 -31.59 17.32
C LYS B 104 9.07 -30.50 16.76
N PHE B 105 8.65 -29.83 15.68
CA PHE B 105 9.44 -28.73 15.15
C PHE B 105 9.58 -27.61 16.18
N VAL B 106 8.48 -27.27 16.86
CA VAL B 106 8.53 -26.21 17.86
C VAL B 106 9.49 -26.59 18.98
N SER B 107 9.47 -27.85 19.41
CA SER B 107 10.42 -28.30 20.43
C SER B 107 11.85 -28.20 19.92
N PHE B 108 12.08 -28.60 18.67
CA PHE B 108 13.42 -28.52 18.10
C PHE B 108 13.92 -27.08 18.06
N LEU B 109 13.00 -26.12 17.90
CA LEU B 109 13.41 -24.72 17.89
C LEU B 109 14.24 -24.36 19.13
N GLY B 110 14.03 -25.06 20.24
CA GLY B 110 14.69 -24.73 21.49
C GLY B 110 15.87 -25.61 21.86
N LYS B 111 16.40 -26.36 20.89
CA LYS B 111 17.55 -27.22 21.13
C LYS B 111 18.82 -26.42 20.85
N THR B 112 19.31 -25.73 21.88
CA THR B 112 20.43 -24.81 21.71
C THR B 112 21.72 -25.53 21.34
N ASP B 113 21.92 -26.75 21.84
CA ASP B 113 23.14 -27.49 21.56
C ASP B 113 23.14 -28.14 20.18
N CYS B 114 22.07 -27.99 19.41
CA CYS B 114 21.98 -28.52 18.04
C CYS B 114 21.40 -27.43 17.15
N SER B 115 22.25 -26.48 16.76
CA SER B 115 21.78 -25.37 15.92
C SER B 115 21.25 -25.83 14.57
N PRO B 116 21.77 -26.88 13.93
CA PRO B 116 21.19 -27.28 12.63
C PRO B 116 19.73 -27.67 12.72
N ILE B 117 19.32 -28.38 13.77
CA ILE B 117 17.92 -28.77 13.87
C ILE B 117 17.06 -27.54 14.16
N GLN B 118 17.59 -26.59 14.94
CA GLN B 118 16.91 -25.31 15.10
C GLN B 118 16.64 -24.66 13.75
N PHE B 119 17.68 -24.59 12.91
CA PHE B 119 17.54 -23.95 11.61
C PHE B 119 16.54 -24.68 10.72
N GLU B 120 16.65 -26.02 10.66
CA GLU B 120 15.77 -26.79 9.79
C GLU B 120 14.32 -26.68 10.23
N SER B 121 14.06 -26.81 11.54
CA SER B 121 12.70 -26.69 12.04
C SER B 121 12.17 -25.28 11.82
N ALA B 122 13.03 -24.26 11.98
CA ALA B 122 12.59 -22.90 11.73
C ALA B 122 12.20 -22.70 10.28
N TRP B 123 12.98 -23.26 9.35
CA TRP B 123 12.65 -23.16 7.94
C TRP B 123 11.34 -23.86 7.62
N ALA B 124 11.17 -25.08 8.15
CA ALA B 124 9.93 -25.82 7.91
C ALA B 124 8.72 -25.06 8.46
N LEU B 125 8.83 -24.54 9.68
CA LEU B 125 7.71 -23.80 10.26
C LEU B 125 7.46 -22.50 9.53
N THR B 126 8.52 -21.85 9.04
CA THR B 126 8.34 -20.67 8.19
C THR B 126 7.48 -21.01 6.98
N ASN B 127 7.83 -22.09 6.27
CA ASN B 127 7.10 -22.42 5.06
C ASN B 127 5.68 -22.86 5.37
N ILE B 128 5.46 -23.54 6.50
CA ILE B 128 4.10 -23.89 6.89
C ILE B 128 3.29 -22.64 7.17
N ALA B 129 3.88 -21.69 7.91
CA ALA B 129 3.20 -20.46 8.26
C ALA B 129 3.00 -19.53 7.08
N SER B 130 3.66 -19.77 5.95
CA SER B 130 3.49 -18.96 4.77
C SER B 130 2.23 -19.29 3.98
N GLY B 131 1.48 -20.31 4.40
CA GLY B 131 0.31 -20.74 3.65
C GLY B 131 -0.96 -20.05 4.07
N THR B 132 -2.04 -20.81 4.13
CA THR B 132 -3.35 -20.25 4.46
C THR B 132 -3.40 -19.84 5.93
N SER B 133 -4.46 -19.11 6.28
CA SER B 133 -4.65 -18.70 7.67
C SER B 133 -4.74 -19.90 8.60
N GLU B 134 -5.31 -21.00 8.13
CA GLU B 134 -5.44 -22.18 8.99
C GLU B 134 -4.08 -22.82 9.26
N GLN B 135 -3.19 -22.83 8.27
CA GLN B 135 -1.86 -23.40 8.46
C GLN B 135 -1.01 -22.50 9.36
N THR B 136 -1.08 -21.18 9.16
CA THR B 136 -0.43 -20.27 10.09
C THR B 136 -0.97 -20.46 11.51
N LYS B 137 -2.29 -20.67 11.63
CA LYS B 137 -2.88 -20.92 12.94
C LYS B 137 -2.35 -22.21 13.54
N ALA B 138 -2.16 -23.24 12.71
CA ALA B 138 -1.57 -24.48 13.20
C ALA B 138 -0.18 -24.23 13.75
N VAL B 139 0.61 -23.40 13.07
CA VAL B 139 1.94 -23.06 13.56
C VAL B 139 1.83 -22.33 14.90
N VAL B 140 0.92 -21.36 14.99
CA VAL B 140 0.80 -20.56 16.19
C VAL B 140 0.33 -21.40 17.37
N ASP B 141 -0.59 -22.33 17.12
CA ASP B 141 -1.14 -23.15 18.20
C ASP B 141 -0.06 -24.04 18.81
N GLY B 142 0.98 -24.37 18.06
CA GLY B 142 2.09 -25.14 18.59
C GLY B 142 3.03 -24.37 19.50
N GLY B 143 2.78 -23.08 19.71
CA GLY B 143 3.64 -22.28 20.57
C GLY B 143 4.87 -21.75 19.89
N ALA B 144 4.80 -21.50 18.57
CA ALA B 144 5.99 -21.12 17.81
C ALA B 144 6.38 -19.66 18.00
N ILE B 145 5.45 -18.80 18.38
CA ILE B 145 5.73 -17.37 18.48
C ILE B 145 6.82 -17.12 19.52
N PRO B 146 6.65 -17.55 20.78
CA PRO B 146 7.71 -17.30 21.77
C PRO B 146 9.01 -18.00 21.44
N ALA B 147 8.96 -19.19 20.84
CA ALA B 147 10.19 -19.89 20.48
C ALA B 147 10.97 -19.11 19.42
N PHE B 148 10.27 -18.59 18.42
CA PHE B 148 10.93 -17.78 17.40
C PHE B 148 11.47 -16.48 17.99
N ILE B 149 10.73 -15.87 18.92
CA ILE B 149 11.22 -14.65 19.55
C ILE B 149 12.49 -14.94 20.34
N SER B 150 12.53 -16.09 21.02
CA SER B 150 13.74 -16.48 21.72
C SER B 150 14.89 -16.70 20.75
N LEU B 151 14.61 -17.33 19.61
CA LEU B 151 15.66 -17.56 18.62
C LEU B 151 16.16 -16.27 17.98
N LEU B 152 15.36 -15.20 18.00
CA LEU B 152 15.82 -13.93 17.45
C LEU B 152 17.17 -13.52 18.00
N ALA B 153 17.49 -13.94 19.23
CA ALA B 153 18.77 -13.62 19.85
C ALA B 153 19.82 -14.69 19.63
N SER B 154 19.60 -15.61 18.69
CA SER B 154 20.56 -16.68 18.45
C SER B 154 21.90 -16.09 18.02
N PRO B 155 23.02 -16.68 18.43
CA PRO B 155 24.33 -16.24 17.92
C PRO B 155 24.55 -16.57 16.46
N HIS B 156 23.73 -17.45 15.88
CA HIS B 156 23.85 -17.83 14.48
C HIS B 156 22.95 -16.92 13.65
N ALA B 157 23.56 -16.19 12.70
CA ALA B 157 22.82 -15.17 11.96
C ALA B 157 21.72 -15.79 11.11
N HIS B 158 21.97 -16.95 10.51
CA HIS B 158 20.96 -17.54 9.63
C HIS B 158 19.75 -18.01 10.41
N ILE B 159 19.96 -18.50 11.65
CA ILE B 159 18.83 -18.93 12.47
C ILE B 159 17.98 -17.74 12.89
N SER B 160 18.63 -16.64 13.31
CA SER B 160 17.87 -15.45 13.68
C SER B 160 17.14 -14.88 12.47
N GLU B 161 17.76 -14.92 11.29
CA GLU B 161 17.08 -14.49 10.08
C GLU B 161 15.85 -15.33 9.81
N GLN B 162 15.97 -16.65 9.97
CA GLN B 162 14.82 -17.53 9.73
C GLN B 162 13.71 -17.26 10.75
N ALA B 163 14.09 -16.96 12.00
CA ALA B 163 13.08 -16.59 12.99
C ALA B 163 12.37 -15.30 12.60
N VAL B 164 13.13 -14.31 12.15
CA VAL B 164 12.53 -13.07 11.64
C VAL B 164 11.54 -13.39 10.54
N TRP B 165 11.93 -14.26 9.62
CA TRP B 165 11.08 -14.62 8.49
C TRP B 165 9.78 -15.27 8.95
N ALA B 166 9.89 -16.24 9.87
CA ALA B 166 8.71 -16.93 10.37
C ALA B 166 7.77 -15.96 11.07
N LEU B 167 8.31 -15.11 11.95
CA LEU B 167 7.49 -14.11 12.61
C LEU B 167 6.86 -13.16 11.60
N GLY B 168 7.55 -12.87 10.51
CA GLY B 168 6.97 -12.03 9.48
C GLY B 168 5.75 -12.66 8.85
N ASN B 169 5.84 -13.95 8.50
CA ASN B 169 4.68 -14.65 7.97
C ASN B 169 3.53 -14.65 8.98
N ILE B 170 3.83 -15.00 10.23
CA ILE B 170 2.79 -15.07 11.26
C ILE B 170 2.09 -13.73 11.39
N ALA B 171 2.86 -12.65 11.53
CA ALA B 171 2.25 -11.33 11.67
C ALA B 171 1.51 -10.91 10.41
N GLY B 172 2.02 -11.29 9.23
CA GLY B 172 1.36 -10.95 7.99
C GLY B 172 0.05 -11.68 7.77
N ASP B 173 -0.22 -12.74 8.54
CA ASP B 173 -1.53 -13.36 8.45
C ASP B 173 -2.66 -12.34 8.60
N GLY B 174 -2.59 -11.51 9.64
CA GLY B 174 -3.63 -10.52 9.85
C GLY B 174 -3.49 -9.83 11.19
N SER B 175 -4.51 -9.03 11.51
CA SER B 175 -4.47 -8.17 12.69
C SER B 175 -4.26 -8.96 13.97
N ALA B 176 -5.03 -10.04 14.14
CA ALA B 176 -4.99 -10.78 15.41
C ALA B 176 -3.61 -11.34 15.68
N PHE B 177 -3.06 -12.09 14.72
CA PHE B 177 -1.73 -12.67 14.92
C PHE B 177 -0.65 -11.61 14.96
N ARG B 178 -0.83 -10.50 14.24
CA ARG B 178 0.11 -9.39 14.34
C ARG B 178 0.17 -8.88 15.78
N ASP B 179 -0.98 -8.55 16.35
CA ASP B 179 -1.02 -8.05 17.72
C ASP B 179 -0.56 -9.10 18.72
N LEU B 180 -0.74 -10.39 18.39
CA LEU B 180 -0.28 -11.43 19.29
C LEU B 180 1.25 -11.51 19.28
N VAL B 181 1.84 -11.48 18.08
CA VAL B 181 3.30 -11.39 17.97
C VAL B 181 3.82 -10.20 18.77
N ILE B 182 3.13 -9.07 18.64
CA ILE B 182 3.55 -7.87 19.38
C ILE B 182 3.47 -8.12 20.88
N LYS B 183 2.37 -8.72 21.35
CA LYS B 183 2.20 -8.96 22.78
C LYS B 183 3.27 -9.89 23.32
N HIS B 184 3.79 -10.81 22.51
CA HIS B 184 4.85 -11.69 22.96
C HIS B 184 6.20 -10.98 23.03
N GLY B 185 6.30 -9.73 22.59
CA GLY B 185 7.51 -8.95 22.77
C GLY B 185 8.55 -9.13 21.69
N ALA B 186 8.13 -9.15 20.43
CA ALA B 186 9.05 -9.34 19.32
C ALA B 186 9.69 -8.04 18.85
N ILE B 187 9.02 -6.90 19.07
CA ILE B 187 9.50 -5.63 18.53
C ILE B 187 10.87 -5.28 19.11
N ASP B 188 11.04 -5.45 20.43
CA ASP B 188 12.30 -5.12 21.05
C ASP B 188 13.47 -5.87 20.41
N PRO B 189 13.49 -7.20 20.37
CA PRO B 189 14.62 -7.89 19.74
C PRO B 189 14.73 -7.62 18.24
N LEU B 190 13.60 -7.52 17.54
CA LEU B 190 13.67 -7.17 16.11
C LEU B 190 14.43 -5.86 15.91
N LEU B 191 14.03 -4.81 16.62
CA LEU B 191 14.70 -3.52 16.48
C LEU B 191 16.13 -3.59 16.96
N ALA B 192 16.40 -4.37 18.01
CA ALA B 192 17.78 -4.52 18.48
C ALA B 192 18.67 -5.09 17.39
N LEU B 193 18.14 -6.02 16.58
CA LEU B 193 18.93 -6.57 15.49
C LEU B 193 19.37 -5.49 14.50
N LEU B 194 18.64 -4.38 14.42
CA LEU B 194 18.96 -3.30 13.50
C LEU B 194 19.69 -2.14 14.17
N ALA B 195 20.02 -2.26 15.45
CA ALA B 195 20.67 -1.17 16.19
C ALA B 195 22.17 -1.24 15.97
N VAL B 196 22.59 -0.81 14.78
CA VAL B 196 24.01 -0.78 14.43
C VAL B 196 24.33 0.60 13.87
N PRO B 197 25.62 0.98 13.88
CA PRO B 197 25.96 2.34 13.39
C PRO B 197 25.66 2.52 11.91
N ASP B 198 25.90 1.51 11.09
CA ASP B 198 25.69 1.60 9.65
C ASP B 198 25.00 0.33 9.17
N LEU B 199 23.79 0.47 8.64
CA LEU B 199 23.04 -0.67 8.13
C LEU B 199 23.81 -1.43 7.04
N SER B 200 24.75 -0.77 6.37
CA SER B 200 25.47 -1.41 5.28
C SER B 200 26.30 -2.60 5.73
N THR B 201 26.68 -2.65 7.01
CA THR B 201 27.45 -3.78 7.51
C THR B 201 26.61 -5.04 7.62
N LEU B 202 25.29 -4.91 7.66
CA LEU B 202 24.41 -6.07 7.76
C LEU B 202 24.30 -6.77 6.41
N ALA B 203 24.11 -8.09 6.46
CA ALA B 203 23.89 -8.85 5.24
C ALA B 203 22.64 -8.35 4.53
N CYS B 204 22.70 -8.33 3.20
CA CYS B 204 21.62 -7.73 2.42
C CYS B 204 20.30 -8.47 2.63
N GLY B 205 20.30 -9.79 2.43
CA GLY B 205 19.06 -10.55 2.61
C GLY B 205 18.54 -10.48 4.03
N TYR B 206 19.44 -10.46 5.01
CA TYR B 206 19.05 -10.31 6.41
C TYR B 206 18.31 -9.00 6.62
N LEU B 207 18.86 -7.90 6.12
CA LEU B 207 18.23 -6.59 6.27
C LEU B 207 16.90 -6.54 5.53
N ARG B 208 16.83 -7.16 4.35
CA ARG B 208 15.57 -7.18 3.61
C ARG B 208 14.49 -7.94 4.39
N ASN B 209 14.84 -9.09 4.97
CA ASN B 209 13.86 -9.85 5.74
C ASN B 209 13.43 -9.08 6.98
N LEU B 210 14.36 -8.41 7.66
CA LEU B 210 14.00 -7.60 8.81
C LEU B 210 13.04 -6.49 8.41
N THR B 211 13.34 -5.79 7.33
CA THR B 211 12.46 -4.71 6.86
C THR B 211 11.08 -5.25 6.51
N TRP B 212 11.02 -6.39 5.83
CA TRP B 212 9.74 -6.96 5.44
C TRP B 212 8.91 -7.36 6.66
N THR B 213 9.54 -8.01 7.64
CA THR B 213 8.80 -8.38 8.84
C THR B 213 8.30 -7.16 9.58
N LEU B 214 9.13 -6.12 9.68
CA LEU B 214 8.68 -4.88 10.32
C LEU B 214 7.49 -4.28 9.56
N SER B 215 7.54 -4.30 8.23
CA SER B 215 6.42 -3.77 7.45
C SER B 215 5.16 -4.58 7.71
N ASN B 216 5.29 -5.89 7.88
CA ASN B 216 4.12 -6.69 8.24
C ASN B 216 3.61 -6.33 9.64
N LEU B 217 4.51 -5.98 10.55
CA LEU B 217 4.06 -5.52 11.87
C LEU B 217 3.35 -4.18 11.78
N CYS B 218 3.56 -3.42 10.70
CA CYS B 218 2.85 -2.16 10.48
C CYS B 218 1.58 -2.34 9.65
N ARG B 219 1.31 -3.54 9.16
CA ARG B 219 0.28 -3.75 8.16
C ARG B 219 -1.07 -4.06 8.80
N ASN B 220 -2.13 -3.91 7.98
CA ASN B 220 -3.49 -4.32 8.29
C ASN B 220 -4.21 -3.34 9.20
N LYS B 221 -5.54 -3.37 9.15
CA LYS B 221 -6.42 -2.46 9.87
C LYS B 221 -7.51 -3.25 10.57
N ASN B 222 -8.38 -2.54 11.29
CA ASN B 222 -9.51 -3.16 11.98
C ASN B 222 -9.04 -4.29 12.89
N PRO B 223 -8.25 -3.99 13.94
CA PRO B 223 -7.68 -2.68 14.25
C PRO B 223 -6.34 -2.42 13.58
N ALA B 224 -5.90 -1.17 13.57
CA ALA B 224 -4.54 -0.87 13.13
C ALA B 224 -3.56 -1.22 14.23
N PRO B 225 -2.26 -1.29 13.93
CA PRO B 225 -1.30 -1.68 14.95
C PRO B 225 -1.39 -0.78 16.15
N PRO B 226 -1.03 -1.28 17.34
CA PRO B 226 -1.10 -0.44 18.54
C PRO B 226 -0.26 0.82 18.40
N LEU B 227 -0.77 1.92 18.93
CA LEU B 227 -0.09 3.21 18.80
C LEU B 227 1.33 3.14 19.37
N ASP B 228 1.49 2.56 20.56
CA ASP B 228 2.81 2.48 21.17
C ASP B 228 3.75 1.64 20.33
N ALA B 229 3.26 0.57 19.71
CA ALA B 229 4.09 -0.24 18.84
C ALA B 229 4.54 0.56 17.61
N VAL B 230 3.63 1.35 17.04
CA VAL B 230 3.98 2.17 15.88
C VAL B 230 5.04 3.20 16.27
N GLU B 231 4.88 3.83 17.44
CA GLU B 231 5.88 4.79 17.89
C GLU B 231 7.22 4.11 18.13
N GLN B 232 7.20 2.89 18.66
CA GLN B 232 8.44 2.16 18.91
C GLN B 232 9.13 1.81 17.59
N ILE B 233 8.35 1.52 16.55
CA ILE B 233 8.94 1.07 15.29
C ILE B 233 9.37 2.23 14.42
N LEU B 234 8.70 3.39 14.53
CA LEU B 234 8.87 4.42 13.51
C LEU B 234 10.30 4.92 13.34
N PRO B 235 11.10 5.14 14.39
CA PRO B 235 12.48 5.62 14.14
C PRO B 235 13.30 4.69 13.26
N THR B 236 13.26 3.38 13.55
CA THR B 236 13.97 2.44 12.70
C THR B 236 13.42 2.46 11.28
N LEU B 237 12.12 2.68 11.12
CA LEU B 237 11.55 2.81 9.78
C LEU B 237 12.13 4.03 9.06
N VAL B 238 12.21 5.16 9.76
CA VAL B 238 12.79 6.37 9.17
C VAL B 238 14.21 6.09 8.72
N ARG B 239 14.98 5.35 9.54
CA ARG B 239 16.35 5.05 9.16
CA ARG B 239 16.35 5.05 9.16
C ARG B 239 16.39 4.16 7.94
N LEU B 240 15.59 3.09 7.92
CA LEU B 240 15.53 2.21 6.75
C LEU B 240 15.13 2.98 5.51
N LEU B 241 14.31 4.01 5.66
CA LEU B 241 13.83 4.78 4.53
C LEU B 241 14.96 5.56 3.85
N HIS B 242 16.10 5.71 4.50
CA HIS B 242 17.27 6.34 3.92
C HIS B 242 18.33 5.33 3.48
N HIS B 243 18.05 4.04 3.60
CA HIS B 243 18.98 3.02 3.12
C HIS B 243 18.99 3.00 1.60
N ASN B 244 20.04 2.39 1.04
CA ASN B 244 20.28 2.43 -0.39
C ASN B 244 19.76 1.21 -1.14
N ASP B 245 19.35 0.16 -0.45
CA ASP B 245 18.93 -1.06 -1.13
C ASP B 245 17.51 -0.88 -1.69
N PRO B 246 17.28 -1.22 -2.96
CA PRO B 246 15.92 -1.03 -3.51
C PRO B 246 14.84 -1.80 -2.76
N GLU B 247 15.09 -3.06 -2.39
CA GLU B 247 14.07 -3.84 -1.69
C GLU B 247 13.77 -3.24 -0.33
N VAL B 248 14.81 -2.84 0.42
CA VAL B 248 14.59 -2.23 1.73
C VAL B 248 13.77 -0.95 1.57
N LEU B 249 14.10 -0.14 0.56
CA LEU B 249 13.35 1.09 0.33
C LEU B 249 11.89 0.79 0.00
N ALA B 250 11.65 -0.20 -0.86
CA ALA B 250 10.28 -0.52 -1.25
C ALA B 250 9.47 -0.99 -0.04
N ASP B 251 10.05 -1.89 0.76
CA ASP B 251 9.31 -2.38 1.93
C ASP B 251 9.12 -1.30 2.98
N SER B 252 10.09 -0.39 3.14
CA SER B 252 9.91 0.71 4.07
C SER B 252 8.81 1.64 3.62
N CYS B 253 8.74 1.94 2.31
CA CYS B 253 7.66 2.75 1.79
C CYS B 253 6.32 2.05 1.96
N TRP B 254 6.29 0.72 1.80
CA TRP B 254 5.05 -0.01 2.01
C TRP B 254 4.61 0.08 3.47
N ALA B 255 5.56 -0.04 4.40
CA ALA B 255 5.23 0.12 5.81
C ALA B 255 4.67 1.51 6.09
N ILE B 256 5.33 2.54 5.54
CA ILE B 256 4.86 3.91 5.75
C ILE B 256 3.46 4.08 5.16
N SER B 257 3.20 3.45 4.02
CA SER B 257 1.87 3.54 3.41
C SER B 257 0.83 2.86 4.28
N TYR B 258 1.17 1.72 4.88
CA TYR B 258 0.27 1.09 5.84
C TYR B 258 -0.03 2.04 6.98
N LEU B 259 1.01 2.68 7.53
CA LEU B 259 0.83 3.51 8.72
C LEU B 259 0.07 4.78 8.44
N THR B 260 0.09 5.28 7.20
CA THR B 260 -0.60 6.50 6.84
C THR B 260 -2.03 6.25 6.34
N ASP B 261 -2.48 5.00 6.36
CA ASP B 261 -3.84 4.66 5.90
C ASP B 261 -4.74 4.58 7.12
N GLY B 262 -5.22 5.75 7.56
CA GLY B 262 -6.10 5.83 8.70
C GLY B 262 -6.42 7.25 9.10
N PRO B 263 -6.93 7.43 10.34
CA PRO B 263 -7.25 8.78 10.81
C PRO B 263 -6.10 9.76 10.71
N ASN B 264 -6.40 11.05 10.77
CA ASN B 264 -5.36 12.07 10.67
C ASN B 264 -4.33 11.95 11.77
N GLU B 265 -4.66 11.31 12.90
CA GLU B 265 -3.69 11.18 13.99
C GLU B 265 -2.58 10.22 13.63
N ARG B 266 -2.89 9.14 12.90
CA ARG B 266 -1.87 8.23 12.42
C ARG B 266 -0.98 8.91 11.37
N ILE B 267 -1.62 9.58 10.41
CA ILE B 267 -0.87 10.36 9.43
C ILE B 267 0.06 11.33 10.14
N GLU B 268 -0.40 11.91 11.25
CA GLU B 268 0.43 12.85 11.99
C GLU B 268 1.59 12.15 12.68
N MET B 269 1.32 10.99 13.30
CA MET B 269 2.41 10.19 13.85
C MET B 269 3.53 10.02 12.84
N VAL B 270 3.16 9.70 11.59
CA VAL B 270 4.18 9.46 10.56
C VAL B 270 4.82 10.78 10.13
N VAL B 271 4.00 11.80 9.85
CA VAL B 271 4.49 13.03 9.27
C VAL B 271 5.41 13.78 10.23
N LYS B 272 5.17 13.65 11.55
CA LYS B 272 6.00 14.36 12.51
C LYS B 272 7.46 13.94 12.43
N LYS B 273 7.72 12.69 12.02
CA LYS B 273 9.09 12.21 11.94
C LYS B 273 9.86 12.82 10.77
N GLY B 274 9.21 13.60 9.92
CA GLY B 274 9.90 14.31 8.85
C GLY B 274 10.30 13.45 7.67
N VAL B 275 9.49 12.45 7.33
CA VAL B 275 9.82 11.55 6.22
C VAL B 275 9.28 12.04 4.87
N VAL B 276 8.42 13.06 4.87
CA VAL B 276 7.78 13.47 3.61
C VAL B 276 8.80 13.86 2.55
N PRO B 277 9.84 14.65 2.83
CA PRO B 277 10.83 14.92 1.78
C PRO B 277 11.48 13.67 1.22
N GLN B 278 11.81 12.70 2.07
CA GLN B 278 12.38 11.45 1.59
C GLN B 278 11.35 10.68 0.76
N LEU B 279 10.08 10.74 1.15
CA LEU B 279 9.04 10.08 0.37
C LEU B 279 8.93 10.69 -1.02
N VAL B 280 9.06 12.02 -1.12
CA VAL B 280 9.03 12.68 -2.43
C VAL B 280 10.25 12.26 -3.26
N LYS B 281 11.44 12.30 -2.64
CA LYS B 281 12.64 11.85 -3.33
C LYS B 281 12.43 10.45 -3.91
N LEU B 282 11.92 9.53 -3.11
CA LEU B 282 11.68 8.17 -3.59
C LEU B 282 10.59 8.15 -4.65
N LEU B 283 9.61 9.05 -4.54
CA LEU B 283 8.62 9.22 -5.60
C LEU B 283 9.30 9.52 -6.93
N GLY B 284 10.43 10.21 -6.88
CA GLY B 284 11.22 10.46 -8.07
C GLY B 284 12.12 9.33 -8.51
N ALA B 285 12.08 8.18 -7.84
CA ALA B 285 12.98 7.09 -8.15
C ALA B 285 12.61 6.42 -9.47
N THR B 286 13.56 5.66 -10.01
CA THR B 286 13.38 4.97 -11.28
C THR B 286 12.79 3.58 -11.13
N GLU B 287 12.95 2.95 -9.96
CA GLU B 287 12.42 1.61 -9.74
C GLU B 287 10.94 1.69 -9.43
N LEU B 288 10.13 1.09 -10.29
CA LEU B 288 8.68 1.04 -10.04
C LEU B 288 8.33 0.46 -8.69
N PRO B 289 8.97 -0.62 -8.21
CA PRO B 289 8.64 -1.12 -6.87
C PRO B 289 8.86 -0.11 -5.76
N ILE B 290 9.64 0.94 -6.02
CA ILE B 290 9.81 2.02 -5.04
C ILE B 290 8.80 3.13 -5.26
N VAL B 291 8.55 3.50 -6.51
CA VAL B 291 7.63 4.59 -6.80
C VAL B 291 6.23 4.23 -6.34
N THR B 292 5.81 2.98 -6.57
CA THR B 292 4.45 2.59 -6.22
C THR B 292 4.15 2.81 -4.75
N PRO B 293 4.91 2.24 -3.80
CA PRO B 293 4.60 2.47 -2.39
C PRO B 293 4.82 3.91 -1.95
N ALA B 294 5.82 4.59 -2.50
CA ALA B 294 6.02 6.00 -2.16
C ALA B 294 4.81 6.83 -2.57
N LEU B 295 4.29 6.58 -3.79
CA LEU B 295 3.11 7.29 -4.24
C LEU B 295 1.90 6.95 -3.38
N ARG B 296 1.75 5.68 -3.00
CA ARG B 296 0.66 5.30 -2.11
C ARG B 296 0.75 6.08 -0.79
N ALA B 297 1.94 6.16 -0.22
CA ALA B 297 2.11 6.87 1.04
C ALA B 297 1.78 8.35 0.89
N ILE B 298 2.25 8.97 -0.19
CA ILE B 298 1.95 10.38 -0.41
C ILE B 298 0.45 10.61 -0.55
N GLY B 299 -0.22 9.71 -1.29
CA GLY B 299 -1.68 9.83 -1.41
C GLY B 299 -2.38 9.73 -0.07
N ASN B 300 -2.03 8.70 0.71
CA ASN B 300 -2.60 8.56 2.03
C ASN B 300 -2.38 9.81 2.86
N ILE B 301 -1.19 10.41 2.76
CA ILE B 301 -0.89 11.60 3.54
C ILE B 301 -1.78 12.76 3.10
N VAL B 302 -1.96 12.95 1.79
CA VAL B 302 -2.78 14.05 1.32
C VAL B 302 -4.26 13.83 1.59
N THR B 303 -4.66 12.60 1.96
CA THR B 303 -6.04 12.43 2.43
C THR B 303 -6.27 12.98 3.83
N GLY B 304 -5.24 13.50 4.50
CA GLY B 304 -5.38 14.00 5.85
C GLY B 304 -5.82 15.46 5.90
N THR B 305 -5.22 16.23 6.80
CA THR B 305 -5.57 17.64 6.92
C THR B 305 -4.87 18.46 5.85
N ASP B 306 -5.37 19.69 5.64
CA ASP B 306 -4.77 20.57 4.66
C ASP B 306 -3.34 20.93 5.02
N GLU B 307 -3.01 20.91 6.32
CA GLU B 307 -1.64 21.20 6.73
C GLU B 307 -0.70 20.06 6.35
N GLN B 308 -1.17 18.82 6.44
CA GLN B 308 -0.34 17.69 6.02
C GLN B 308 -0.17 17.67 4.50
N THR B 309 -1.24 17.96 3.77
CA THR B 309 -1.13 18.12 2.32
C THR B 309 -0.16 19.24 1.98
N GLN B 310 -0.15 20.30 2.78
CA GLN B 310 0.79 21.40 2.54
C GLN B 310 2.22 20.96 2.82
N LYS B 311 2.41 20.12 3.83
CA LYS B 311 3.73 19.53 4.05
C LYS B 311 4.18 18.74 2.82
N VAL B 312 3.26 17.99 2.22
CA VAL B 312 3.60 17.27 0.99
C VAL B 312 3.97 18.24 -0.12
N ILE B 313 3.21 19.33 -0.25
CA ILE B 313 3.46 20.29 -1.33
C ILE B 313 4.81 20.98 -1.14
N ASP B 314 5.15 21.35 0.09
CA ASP B 314 6.39 22.06 0.35
C ASP B 314 7.60 21.21 0.04
N ALA B 315 7.47 19.88 0.13
CA ALA B 315 8.58 19.00 -0.20
C ALA B 315 8.86 18.94 -1.69
N GLY B 316 8.02 19.56 -2.53
CA GLY B 316 8.23 19.57 -3.96
C GLY B 316 7.61 18.43 -4.71
N ALA B 317 6.52 17.85 -4.18
CA ALA B 317 5.95 16.66 -4.80
C ALA B 317 5.30 16.98 -6.14
N LEU B 318 4.68 18.16 -6.25
CA LEU B 318 3.94 18.48 -7.47
C LEU B 318 4.84 18.44 -8.71
N ALA B 319 6.11 18.84 -8.56
CA ALA B 319 7.01 18.86 -9.70
C ALA B 319 7.20 17.47 -10.31
N VAL B 320 6.88 16.41 -9.57
CA VAL B 320 7.02 15.05 -10.08
C VAL B 320 5.80 14.59 -10.87
N PHE B 321 4.69 15.33 -10.80
CA PHE B 321 3.42 14.82 -11.32
C PHE B 321 3.26 14.94 -12.82
N PRO B 322 3.99 15.83 -13.51
CA PRO B 322 3.96 15.78 -14.98
C PRO B 322 4.30 14.40 -15.53
N SER B 323 5.30 13.73 -14.94
CA SER B 323 5.64 12.38 -15.38
C SER B 323 4.68 11.35 -14.80
N LEU B 324 4.34 11.47 -13.52
CA LEU B 324 3.43 10.50 -12.89
C LEU B 324 2.09 10.46 -13.60
N LEU B 325 1.56 11.62 -13.99
CA LEU B 325 0.28 11.68 -14.68
C LEU B 325 0.38 11.26 -16.14
N THR B 326 1.60 10.98 -16.64
CA THR B 326 1.78 10.38 -17.96
C THR B 326 2.53 9.06 -17.87
N ASN B 327 2.69 8.51 -16.68
CA ASN B 327 3.45 7.28 -16.50
C ASN B 327 2.82 6.16 -17.33
N PRO B 328 3.64 5.35 -18.03
CA PRO B 328 3.06 4.28 -18.86
C PRO B 328 2.41 3.16 -18.06
N LYS B 329 2.60 3.11 -16.75
CA LYS B 329 1.94 2.11 -15.90
C LYS B 329 0.58 2.63 -15.47
N THR B 330 -0.47 1.86 -15.75
CA THR B 330 -1.83 2.31 -15.46
C THR B 330 -2.00 2.68 -14.00
N ASN B 331 -1.54 1.82 -13.10
CA ASN B 331 -1.78 2.05 -11.67
C ASN B 331 -1.08 3.30 -11.18
N ILE B 332 0.11 3.58 -11.70
CA ILE B 332 0.81 4.81 -11.32
C ILE B 332 -0.03 6.03 -11.70
N GLN B 333 -0.53 6.06 -12.94
CA GLN B 333 -1.38 7.17 -13.37
C GLN B 333 -2.62 7.27 -12.48
N LYS B 334 -3.27 6.12 -12.21
CA LYS B 334 -4.48 6.14 -11.41
C LYS B 334 -4.23 6.73 -10.04
N GLU B 335 -3.20 6.24 -9.34
CA GLU B 335 -2.95 6.71 -7.99
C GLU B 335 -2.42 8.15 -7.98
N ALA B 336 -1.69 8.56 -9.02
CA ALA B 336 -1.27 9.96 -9.09
C ALA B 336 -2.47 10.88 -9.29
N THR B 337 -3.44 10.47 -10.11
CA THR B 337 -4.65 11.26 -10.29
C THR B 337 -5.49 11.29 -9.01
N TRP B 338 -5.52 10.17 -8.28
CA TRP B 338 -6.21 10.14 -6.99
C TRP B 338 -5.55 11.10 -6.01
N THR B 339 -4.22 11.10 -5.95
CA THR B 339 -3.51 12.05 -5.10
C THR B 339 -3.82 13.48 -5.52
N MET B 340 -3.83 13.76 -6.82
CA MET B 340 -4.16 15.10 -7.30
C MET B 340 -5.57 15.49 -6.89
N SER B 341 -6.51 14.53 -6.95
CA SER B 341 -7.88 14.82 -6.56
C SER B 341 -7.96 15.18 -5.09
N ASN B 342 -7.23 14.46 -4.24
CA ASN B 342 -7.23 14.78 -2.82
C ASN B 342 -6.43 16.05 -2.52
N ILE B 343 -5.60 16.51 -3.46
CA ILE B 343 -4.93 17.79 -3.28
C ILE B 343 -5.83 18.94 -3.70
N THR B 344 -6.58 18.77 -4.79
CA THR B 344 -7.47 19.82 -5.28
C THR B 344 -8.66 20.03 -4.37
N ALA B 345 -8.94 19.10 -3.46
CA ALA B 345 -9.99 19.28 -2.47
C ALA B 345 -9.56 20.16 -1.30
N GLY B 346 -8.35 20.70 -1.33
CA GLY B 346 -7.81 21.49 -0.25
C GLY B 346 -8.11 22.96 -0.39
N ARG B 347 -7.20 23.78 0.16
CA ARG B 347 -7.40 25.22 0.20
C ARG B 347 -7.18 25.82 -1.19
N GLN B 348 -7.62 27.07 -1.34
CA GLN B 348 -7.51 27.75 -2.62
C GLN B 348 -6.05 28.04 -2.97
N ASP B 349 -5.20 28.33 -1.98
CA ASP B 349 -3.79 28.51 -2.27
C ASP B 349 -3.15 27.21 -2.74
N GLN B 350 -3.63 26.06 -2.26
CA GLN B 350 -3.12 24.78 -2.74
C GLN B 350 -3.58 24.50 -4.16
N ILE B 351 -4.83 24.83 -4.48
CA ILE B 351 -5.28 24.76 -5.87
C ILE B 351 -4.42 25.67 -6.75
N GLN B 352 -4.05 26.84 -6.21
CA GLN B 352 -3.21 27.76 -6.98
C GLN B 352 -1.82 27.19 -7.20
N GLN B 353 -1.28 26.48 -6.20
CA GLN B 353 0.00 25.82 -6.39
C GLN B 353 -0.10 24.71 -7.44
N VAL B 354 -1.23 23.98 -7.44
CA VAL B 354 -1.46 23.00 -8.50
C VAL B 354 -1.46 23.68 -9.86
N VAL B 355 -2.08 24.86 -9.94
CA VAL B 355 -2.13 25.59 -11.20
C VAL B 355 -0.73 26.02 -11.63
N ASN B 356 0.04 26.59 -10.69
CA ASN B 356 1.35 27.13 -11.02
C ASN B 356 2.30 26.06 -11.54
N HIS B 357 2.17 24.83 -11.04
CA HIS B 357 2.99 23.73 -11.52
C HIS B 357 2.56 23.22 -12.89
N GLY B 358 1.56 23.84 -13.51
CA GLY B 358 1.14 23.43 -14.84
C GLY B 358 0.49 22.07 -14.89
N LEU B 359 -0.19 21.67 -13.82
CA LEU B 359 -0.77 20.34 -13.75
C LEU B 359 -2.22 20.28 -14.24
N VAL B 360 -2.88 21.43 -14.42
CA VAL B 360 -4.22 21.41 -15.00
C VAL B 360 -4.22 20.84 -16.41
N PRO B 361 -3.30 21.23 -17.31
CA PRO B 361 -3.24 20.55 -18.61
C PRO B 361 -3.06 19.05 -18.51
N PHE B 362 -2.30 18.57 -17.52
CA PHE B 362 -2.11 17.13 -17.37
C PHE B 362 -3.39 16.46 -16.89
N LEU B 363 -4.15 17.13 -16.02
CA LEU B 363 -5.46 16.61 -15.65
C LEU B 363 -6.38 16.56 -16.86
N VAL B 364 -6.34 17.59 -17.71
CA VAL B 364 -7.13 17.58 -18.93
C VAL B 364 -6.74 16.40 -19.80
N GLY B 365 -5.43 16.16 -19.93
CA GLY B 365 -4.97 15.04 -20.73
C GLY B 365 -5.46 13.70 -20.21
N VAL B 366 -5.33 13.49 -18.89
CA VAL B 366 -5.80 12.25 -18.29
C VAL B 366 -7.32 12.10 -18.49
N LEU B 367 -8.06 13.21 -18.39
CA LEU B 367 -9.49 13.15 -18.61
C LEU B 367 -9.83 12.86 -20.06
N SER B 368 -8.94 13.23 -20.99
CA SER B 368 -9.19 13.01 -22.41
C SER B 368 -8.91 11.58 -22.82
N LYS B 369 -7.83 10.99 -22.30
CA LYS B 369 -7.42 9.65 -22.70
C LYS B 369 -6.68 9.00 -21.54
N ALA B 370 -7.19 7.88 -21.06
CA ALA B 370 -6.59 7.13 -19.96
C ALA B 370 -7.51 5.96 -19.66
N ASP B 371 -6.98 5.00 -18.90
CA ASP B 371 -7.82 3.91 -18.41
C ASP B 371 -8.99 4.49 -17.61
N PHE B 372 -10.14 3.81 -17.70
CA PHE B 372 -11.38 4.40 -17.21
C PHE B 372 -11.29 4.75 -15.73
N LYS B 373 -10.60 3.93 -14.93
CA LYS B 373 -10.47 4.24 -13.51
C LYS B 373 -9.70 5.54 -13.29
N THR B 374 -8.60 5.71 -14.03
CA THR B 374 -7.88 6.97 -13.99
C THR B 374 -8.77 8.13 -14.40
N GLN B 375 -9.69 7.89 -15.35
CA GLN B 375 -10.62 8.94 -15.76
C GLN B 375 -11.61 9.27 -14.65
N LYS B 376 -12.07 8.26 -13.90
CA LYS B 376 -12.87 8.53 -12.72
C LYS B 376 -12.12 9.43 -11.75
N GLU B 377 -10.87 9.09 -11.47
CA GLU B 377 -10.07 9.89 -10.55
C GLU B 377 -9.92 11.32 -11.06
N ALA B 378 -9.75 11.47 -12.38
CA ALA B 378 -9.64 12.81 -12.96
C ALA B 378 -10.93 13.59 -12.80
N ALA B 379 -12.08 12.94 -13.03
CA ALA B 379 -13.35 13.61 -12.83
C ALA B 379 -13.51 14.06 -11.39
N TRP B 380 -13.14 13.19 -10.44
CA TRP B 380 -13.21 13.58 -9.03
C TRP B 380 -12.30 14.77 -8.74
N ALA B 381 -11.08 14.75 -9.28
CA ALA B 381 -10.16 15.87 -9.07
C ALA B 381 -10.74 17.16 -9.62
N ILE B 382 -11.37 17.10 -10.80
CA ILE B 382 -11.94 18.29 -11.40
C ILE B 382 -13.12 18.80 -10.57
N THR B 383 -13.95 17.90 -10.08
CA THR B 383 -15.09 18.32 -9.27
C THR B 383 -14.63 18.97 -7.97
N ASN B 384 -13.60 18.40 -7.33
CA ASN B 384 -13.07 19.02 -6.12
C ASN B 384 -12.48 20.40 -6.43
N TYR B 385 -11.69 20.49 -7.50
CA TYR B 385 -11.15 21.76 -7.95
C TYR B 385 -12.26 22.80 -8.09
N THR B 386 -13.32 22.46 -8.82
CA THR B 386 -14.38 23.44 -9.09
C THR B 386 -15.17 23.76 -7.85
N SER B 387 -15.30 22.81 -6.91
CA SER B 387 -16.07 23.07 -5.70
C SER B 387 -15.30 23.96 -4.73
N GLY B 388 -13.97 23.87 -4.71
CA GLY B 388 -13.20 24.64 -3.76
C GLY B 388 -12.43 25.81 -4.32
N GLY B 389 -12.45 25.96 -5.65
CA GLY B 389 -11.61 26.95 -6.30
C GLY B 389 -12.26 28.32 -6.44
N THR B 390 -11.42 29.31 -6.72
CA THR B 390 -11.90 30.66 -6.97
C THR B 390 -12.52 30.74 -8.37
N VAL B 391 -13.14 31.88 -8.65
CA VAL B 391 -13.72 32.09 -9.97
C VAL B 391 -12.63 32.10 -11.03
N GLU B 392 -11.52 32.80 -10.74
CA GLU B 392 -10.42 32.85 -11.69
C GLU B 392 -9.86 31.46 -11.96
N GLN B 393 -9.75 30.63 -10.92
CA GLN B 393 -9.20 29.29 -11.09
C GLN B 393 -10.13 28.41 -11.93
N ILE B 394 -11.43 28.54 -11.74
CA ILE B 394 -12.38 27.75 -12.53
C ILE B 394 -12.37 28.23 -13.98
N VAL B 395 -12.28 29.55 -14.19
CA VAL B 395 -12.17 30.08 -15.54
C VAL B 395 -10.93 29.55 -16.21
N TYR B 396 -9.80 29.50 -15.48
CA TYR B 396 -8.59 28.90 -16.04
C TYR B 396 -8.80 27.44 -16.39
N LEU B 397 -9.46 26.70 -15.49
CA LEU B 397 -9.80 25.31 -15.77
C LEU B 397 -10.50 25.18 -17.12
N VAL B 398 -11.48 26.06 -17.36
CA VAL B 398 -12.20 26.03 -18.63
C VAL B 398 -11.26 26.39 -19.79
N HIS B 399 -10.41 27.40 -19.58
CA HIS B 399 -9.50 27.84 -20.64
C HIS B 399 -8.51 26.75 -21.06
N CYS B 400 -8.25 25.78 -20.19
CA CYS B 400 -7.33 24.71 -20.53
C CYS B 400 -7.98 23.58 -21.33
N GLY B 401 -9.29 23.64 -21.53
CA GLY B 401 -9.98 22.67 -22.35
C GLY B 401 -10.62 21.52 -21.62
N ILE B 402 -11.11 21.74 -20.40
CA ILE B 402 -11.71 20.65 -19.63
C ILE B 402 -13.09 20.28 -20.14
N ILE B 403 -13.78 21.22 -20.80
CA ILE B 403 -15.21 21.05 -21.08
C ILE B 403 -15.43 19.87 -22.03
N GLU B 404 -14.67 19.81 -23.12
CA GLU B 404 -14.91 18.77 -24.11
C GLU B 404 -14.68 17.37 -23.56
N PRO B 405 -13.55 17.06 -22.92
CA PRO B 405 -13.41 15.72 -22.33
C PRO B 405 -14.39 15.45 -21.21
N LEU B 406 -14.71 16.48 -20.40
CA LEU B 406 -15.69 16.29 -19.34
C LEU B 406 -17.05 15.90 -19.92
N MET B 407 -17.41 16.48 -21.07
CA MET B 407 -18.66 16.10 -21.73
C MET B 407 -18.56 14.72 -22.34
N ASN B 408 -17.45 14.41 -23.01
CA ASN B 408 -17.29 13.09 -23.60
C ASN B 408 -17.41 12.00 -22.55
N LEU B 409 -16.98 12.28 -21.32
CA LEU B 409 -17.07 11.29 -20.25
C LEU B 409 -18.49 11.10 -19.72
N LEU B 410 -19.46 11.92 -20.14
CA LEU B 410 -20.83 11.76 -19.69
C LEU B 410 -21.53 10.58 -20.36
N SER B 411 -20.93 9.97 -21.37
CA SER B 411 -21.52 8.83 -22.06
C SER B 411 -21.17 7.50 -21.38
N ALA B 412 -20.39 7.52 -20.31
CA ALA B 412 -20.03 6.30 -19.61
C ALA B 412 -21.19 5.81 -18.75
N LYS B 413 -21.26 4.49 -18.58
CA LYS B 413 -22.39 3.89 -17.88
C LYS B 413 -22.31 4.10 -16.37
N ASP B 414 -21.12 4.32 -15.82
CA ASP B 414 -20.97 4.49 -14.38
C ASP B 414 -21.77 5.69 -13.92
N THR B 415 -22.72 5.45 -13.01
CA THR B 415 -23.66 6.51 -12.60
C THR B 415 -22.97 7.54 -11.71
N LYS B 416 -22.06 7.10 -10.84
CA LYS B 416 -21.45 8.01 -9.89
C LYS B 416 -20.54 9.02 -10.59
N ILE B 417 -19.83 8.58 -11.64
CA ILE B 417 -19.02 9.52 -12.39
C ILE B 417 -19.91 10.52 -13.12
N ILE B 418 -21.10 10.11 -13.53
CA ILE B 418 -22.04 11.05 -14.16
C ILE B 418 -22.46 12.10 -13.13
N GLN B 419 -22.80 11.67 -11.92
CA GLN B 419 -23.12 12.63 -10.87
C GLN B 419 -21.96 13.60 -10.62
N VAL B 420 -20.74 13.06 -10.56
CA VAL B 420 -19.56 13.90 -10.30
C VAL B 420 -19.39 14.93 -11.41
N ILE B 421 -19.52 14.49 -12.66
CA ILE B 421 -19.35 15.40 -13.79
C ILE B 421 -20.42 16.49 -13.76
N LEU B 422 -21.67 16.11 -13.42
CA LEU B 422 -22.73 17.10 -13.38
C LEU B 422 -22.49 18.12 -12.27
N ASP B 423 -21.99 17.67 -11.12
CA ASP B 423 -21.62 18.61 -10.07
C ASP B 423 -20.54 19.57 -10.53
N ALA B 424 -19.52 19.05 -11.22
CA ALA B 424 -18.47 19.90 -11.74
C ALA B 424 -19.04 20.94 -12.71
N ILE B 425 -19.94 20.51 -13.59
CA ILE B 425 -20.52 21.44 -14.57
C ILE B 425 -21.34 22.51 -13.85
N SER B 426 -22.06 22.13 -12.80
CA SER B 426 -22.82 23.11 -12.04
C SER B 426 -21.90 24.14 -11.40
N ASN B 427 -20.78 23.69 -10.83
CA ASN B 427 -19.84 24.63 -10.23
C ASN B 427 -19.25 25.57 -11.28
N ILE B 428 -18.90 25.03 -12.45
CA ILE B 428 -18.36 25.87 -13.51
C ILE B 428 -19.39 26.90 -13.96
N PHE B 429 -20.66 26.47 -14.04
CA PHE B 429 -21.72 27.40 -14.44
C PHE B 429 -21.92 28.49 -13.40
N GLN B 430 -21.78 28.17 -12.12
CA GLN B 430 -21.84 29.20 -11.08
C GLN B 430 -20.70 30.20 -11.26
N ALA B 431 -19.48 29.69 -11.45
CA ALA B 431 -18.35 30.59 -11.65
C ALA B 431 -18.56 31.48 -12.88
N ALA B 432 -19.20 30.94 -13.92
CA ALA B 432 -19.48 31.74 -15.11
C ALA B 432 -20.53 32.80 -14.82
N GLU B 433 -21.63 32.39 -14.16
CA GLU B 433 -22.64 33.35 -13.74
C GLU B 433 -22.01 34.54 -13.03
N LYS B 434 -21.09 34.27 -12.11
CA LYS B 434 -20.47 35.37 -11.38
C LYS B 434 -19.78 36.37 -12.31
N LEU B 435 -19.39 35.95 -13.52
CA LEU B 435 -18.75 36.83 -14.48
C LEU B 435 -19.64 37.18 -15.67
N GLY B 436 -20.82 36.56 -15.79
CA GLY B 436 -21.67 36.79 -16.94
C GLY B 436 -21.33 35.96 -18.15
N GLU B 437 -20.57 34.88 -17.97
CA GLU B 437 -20.14 34.01 -19.08
C GLU B 437 -21.10 32.86 -19.32
N THR B 438 -22.26 32.85 -18.66
CA THR B 438 -23.15 31.69 -18.74
C THR B 438 -23.43 31.28 -20.19
N GLU B 439 -23.76 32.25 -21.03
CA GLU B 439 -24.12 31.93 -22.42
C GLU B 439 -22.92 31.41 -23.20
N LYS B 440 -21.74 32.00 -23.00
CA LYS B 440 -20.56 31.53 -23.73
C LYS B 440 -20.25 30.08 -23.39
N LEU B 441 -20.34 29.72 -22.12
CA LEU B 441 -20.13 28.34 -21.71
C LEU B 441 -21.22 27.43 -22.26
N SER B 442 -22.47 27.89 -22.25
CA SER B 442 -23.55 27.09 -22.83
C SER B 442 -23.27 26.78 -24.30
N ILE B 443 -22.81 27.79 -25.05
CA ILE B 443 -22.50 27.59 -26.45
C ILE B 443 -21.35 26.59 -26.60
N MET B 444 -20.31 26.73 -25.77
CA MET B 444 -19.21 25.77 -25.83
C MET B 444 -19.70 24.35 -25.60
N ILE B 445 -20.57 24.15 -24.60
CA ILE B 445 -21.10 22.82 -24.33
C ILE B 445 -21.92 22.32 -25.51
N GLU B 446 -22.70 23.20 -26.13
CA GLU B 446 -23.49 22.81 -27.29
C GLU B 446 -22.61 22.36 -28.44
N GLU B 447 -21.49 23.06 -28.66
CA GLU B 447 -20.70 22.82 -29.86
C GLU B 447 -20.01 21.46 -29.84
N CYS B 448 -19.71 20.92 -28.65
CA CYS B 448 -18.97 19.67 -28.54
C CYS B 448 -19.87 18.46 -28.31
N GLY B 449 -21.18 18.63 -28.40
CA GLY B 449 -22.10 17.53 -28.19
C GLY B 449 -22.48 17.29 -26.74
N GLY B 450 -22.17 18.21 -25.84
CA GLY B 450 -22.50 18.00 -24.44
C GLY B 450 -23.99 18.17 -24.16
N LEU B 451 -24.62 19.13 -24.83
CA LEU B 451 -26.05 19.37 -24.61
C LEU B 451 -26.86 18.12 -24.91
N ASP B 452 -26.52 17.40 -25.97
CA ASP B 452 -27.23 16.17 -26.29
C ASP B 452 -27.13 15.17 -25.14
N LYS B 453 -25.93 15.01 -24.59
CA LYS B 453 -25.74 14.05 -23.51
C LYS B 453 -26.50 14.46 -22.26
N ILE B 454 -26.52 15.76 -21.95
CA ILE B 454 -27.26 16.22 -20.77
C ILE B 454 -28.76 16.00 -20.98
N GLU B 455 -29.26 16.32 -22.18
CA GLU B 455 -30.67 16.11 -22.47
C GLU B 455 -31.03 14.64 -22.39
N ALA B 456 -30.11 13.75 -22.78
CA ALA B 456 -30.37 12.32 -22.65
C ALA B 456 -30.35 11.89 -21.19
N LEU B 457 -29.48 12.49 -20.38
CA LEU B 457 -29.43 12.17 -18.96
C LEU B 457 -30.72 12.51 -18.24
N GLN B 458 -31.54 13.40 -18.82
CA GLN B 458 -32.79 13.78 -18.17
C GLN B 458 -33.62 12.56 -17.80
N ARG B 459 -33.62 11.54 -18.65
CA ARG B 459 -34.36 10.29 -18.42
C ARG B 459 -33.38 9.20 -18.00
N HIS B 460 -32.90 9.30 -16.76
CA HIS B 460 -31.93 8.37 -16.21
C HIS B 460 -32.45 7.81 -14.90
N GLU B 461 -32.04 6.58 -14.59
CA GLU B 461 -32.54 5.89 -13.40
C GLU B 461 -32.30 6.73 -12.15
N ASN B 462 -31.05 7.08 -11.89
CA ASN B 462 -30.70 7.75 -10.64
C ASN B 462 -31.48 9.05 -10.48
N GLU B 463 -32.07 9.23 -9.30
CA GLU B 463 -32.84 10.45 -9.03
C GLU B 463 -31.96 11.68 -9.17
N SER B 464 -30.73 11.63 -8.63
CA SER B 464 -29.89 12.82 -8.65
C SER B 464 -29.44 13.17 -10.07
N VAL B 465 -29.14 12.15 -10.89
CA VAL B 465 -28.81 12.41 -12.28
C VAL B 465 -30.00 13.08 -12.98
N TYR B 466 -31.16 12.42 -12.91
CA TYR B 466 -32.42 13.01 -13.34
C TYR B 466 -32.51 14.50 -13.02
N LYS B 467 -32.47 14.81 -11.72
CA LYS B 467 -32.75 16.15 -11.25
C LYS B 467 -31.67 17.13 -11.68
N ALA B 468 -30.40 16.74 -11.58
CA ALA B 468 -29.32 17.66 -11.92
C ALA B 468 -29.31 17.98 -13.41
N SER B 469 -29.51 16.97 -14.26
CA SER B 469 -29.57 17.23 -15.69
C SER B 469 -30.75 18.14 -16.03
N LEU B 470 -31.94 17.83 -15.47
CA LEU B 470 -33.09 18.68 -15.72
C LEU B 470 -32.83 20.10 -15.27
N ASN B 471 -32.17 20.28 -14.12
CA ASN B 471 -31.91 21.61 -13.60
C ASN B 471 -30.92 22.37 -14.47
N LEU B 472 -29.86 21.69 -14.93
CA LEU B 472 -28.94 22.32 -15.87
C LEU B 472 -29.67 22.82 -17.09
N ILE B 473 -30.48 21.96 -17.71
CA ILE B 473 -31.23 22.36 -18.90
C ILE B 473 -32.11 23.57 -18.59
N GLU B 474 -32.84 23.51 -17.47
CA GLU B 474 -33.79 24.56 -17.15
C GLU B 474 -33.10 25.88 -16.84
N LYS B 475 -31.90 25.84 -16.27
CA LYS B 475 -31.26 27.06 -15.77
C LYS B 475 -30.28 27.68 -16.76
N TYR B 476 -29.74 26.92 -17.72
CA TYR B 476 -28.69 27.44 -18.57
C TYR B 476 -28.90 27.20 -20.07
N PHE B 477 -29.97 26.52 -20.46
CA PHE B 477 -30.24 26.23 -21.88
C PHE B 477 -31.71 26.51 -22.16
N SER B 478 -32.01 27.73 -22.58
CA SER B 478 -33.37 28.12 -22.91
C SER B 478 -33.57 28.21 -24.42
#